data_7AKQ
#
_entry.id   7AKQ
#
_cell.length_a   68.111
_cell.length_b   68.111
_cell.length_c   176.639
_cell.angle_alpha   90.000
_cell.angle_beta   90.000
_cell.angle_gamma   90.000
#
_symmetry.space_group_name_H-M   'P 41 21 2'
#
loop_
_entity.id
_entity.type
_entity.pdbx_description
1 polymer 'Endochitinase 42'
2 branched 2-acetamido-2-deoxy-beta-D-glucopyranose-(1-4)-2-acetamido-2-deoxy-beta-D-glucopyranose
3 branched 2-acetamido-2-deoxy-beta-D-glucopyranose-(1-4)-2-acetamido-2-deoxy-beta-D-glucopyranose-(1-4)-2-acetamido-2-deoxy-beta-D-glucopyranose-(1-4)-2-acetamido-2-deoxy-beta-D-glucopyranose
4 non-polymer 'ACETATE ION'
5 non-polymer 'ZINC ION'
6 water water
#
_entity_poly.entity_id   1
_entity_poly.type   'polypeptide(L)'
_entity_poly.pdbx_seq_one_letter_code
;MLSFLGKSVALLAALQATLSSPKPGHRRASVEKRANGYANSVYFTNWGIYDRNFQPADLVASDVTHVIYSFMNLQADGTV
ISGDTYADYEKHYADDSWNDVGTNAYGCVKQLFKVKKANRGLKVLLSIGGWTWSTNFPSAASTDANRKNFAKTAITFMKD
WGFDGIDIAWAYPADATQASNMILLLKEVRSQLDAYAAQYAPGYHFLLTIAAPAGKDNYSKLRLADLGQVLDYINLMAYD
YAGSFSPLTGHDANLFNNPSNPNATPFNTDSAVKDYINGGVPANKIVLGMPIYGRSFQNTAGIGQTYNGVGSGSWEAGIW
DYKALPKAGATVQYDSVAKGYYSYNSATKELISFDTPDMINTKVAYLKSLGLGGSMFWEASADKKGADSLIGTSHRALGG
LDTTQNLLSYPNSKYDNIKNGLN
;
_entity_poly.pdbx_strand_id   A
#
loop_
_chem_comp.id
_chem_comp.type
_chem_comp.name
_chem_comp.formula
ACT non-polymer 'ACETATE ION' 'C2 H3 O2 -1'
NAG D-saccharide, beta linking 2-acetamido-2-deoxy-beta-D-glucopyranose 'C8 H15 N O6'
ZN non-polymer 'ZINC ION' 'Zn 2'
#
# COMPACT_ATOMS: atom_id res chain seq x y z
N ALA A 35 15.26 -9.91 -1.46
CA ALA A 35 14.33 -10.57 -0.48
C ALA A 35 14.64 -12.07 -0.49
N ASN A 36 14.29 -12.79 0.57
CA ASN A 36 14.59 -14.25 0.61
C ASN A 36 13.28 -15.04 0.61
N GLY A 37 12.21 -14.45 0.07
CA GLY A 37 10.86 -15.02 0.07
C GLY A 37 9.82 -13.98 -0.31
N TYR A 38 8.54 -14.34 -0.21
CA TYR A 38 7.41 -13.48 -0.63
C TYR A 38 7.26 -12.32 0.34
N ALA A 39 7.02 -11.13 -0.22
CA ALA A 39 6.46 -9.97 0.49
C ALA A 39 5.02 -10.30 0.88
N ASN A 40 4.65 -9.93 2.11
CA ASN A 40 3.24 -9.85 2.57
C ASN A 40 3.13 -8.48 3.25
N SER A 41 2.77 -7.47 2.47
CA SER A 41 2.93 -6.04 2.82
CA SER A 41 2.93 -6.04 2.82
C SER A 41 1.55 -5.41 3.07
N VAL A 42 1.47 -4.55 4.07
CA VAL A 42 0.19 -3.87 4.42
C VAL A 42 0.46 -2.38 4.58
N TYR A 43 -0.39 -1.57 3.96
CA TYR A 43 -0.48 -0.12 4.21
C TYR A 43 -1.14 0.07 5.57
N PHE A 44 -0.44 0.81 6.42
CA PHE A 44 -0.92 1.35 7.70
C PHE A 44 -1.12 2.86 7.49
N THR A 45 -2.33 3.34 7.69
CA THR A 45 -2.70 4.77 7.48
C THR A 45 -2.51 5.49 8.81
N ASN A 46 -1.89 6.67 8.79
CA ASN A 46 -1.68 7.44 10.05
C ASN A 46 -3.02 8.02 10.53
N TRP A 47 -3.98 8.26 9.64
CA TRP A 47 -5.34 8.74 10.03
C TRP A 47 -6.16 7.59 10.62
N GLY A 48 -5.72 6.35 10.45
CA GLY A 48 -6.40 5.16 11.01
C GLY A 48 -6.41 5.16 12.54
N ILE A 49 -5.61 6.02 13.18
CA ILE A 49 -5.47 6.04 14.66
C ILE A 49 -6.68 6.74 15.29
N TYR A 50 -7.49 7.45 14.48
CA TYR A 50 -8.62 8.29 14.97
C TYR A 50 -9.92 7.47 15.02
N ASP A 51 -10.86 7.73 14.11
CA ASP A 51 -12.19 7.08 14.11
C ASP A 51 -12.05 5.56 14.07
N ARG A 52 -11.18 5.06 13.19
CA ARG A 52 -10.94 3.62 12.96
C ARG A 52 -10.28 2.98 14.20
N ASN A 53 -9.70 3.82 15.08
CA ASN A 53 -9.01 3.39 16.31
C ASN A 53 -8.20 2.13 16.02
N PHE A 54 -7.32 2.20 15.01
CA PHE A 54 -6.37 1.14 14.65
C PHE A 54 -4.94 1.64 14.85
N GLN A 55 -4.30 1.22 15.94
CA GLN A 55 -2.96 1.65 16.38
C GLN A 55 -1.92 0.63 15.89
N PRO A 56 -0.63 1.02 15.72
CA PRO A 56 0.39 0.10 15.22
C PRO A 56 0.45 -1.22 15.99
N ALA A 57 0.14 -1.22 17.29
CA ALA A 57 0.16 -2.42 18.16
C ALA A 57 -0.98 -3.39 17.78
N ASP A 58 -1.99 -2.90 17.05
CA ASP A 58 -3.16 -3.68 16.60
C ASP A 58 -2.81 -4.51 15.36
N LEU A 59 -1.79 -4.11 14.59
CA LEU A 59 -1.23 -4.94 13.50
C LEU A 59 -0.91 -6.33 14.03
N VAL A 60 -1.28 -7.35 13.27
CA VAL A 60 -0.81 -8.76 13.46
C VAL A 60 0.52 -8.85 12.71
N ALA A 61 1.58 -8.38 13.39
CA ALA A 61 2.93 -8.13 12.82
C ALA A 61 3.55 -9.43 12.31
N SER A 62 3.21 -10.57 12.94
CA SER A 62 3.73 -11.91 12.57
C SER A 62 3.33 -12.29 11.13
N ASP A 63 2.28 -11.69 10.56
CA ASP A 63 1.79 -12.00 9.20
C ASP A 63 2.44 -11.10 8.14
N VAL A 64 3.26 -10.12 8.54
CA VAL A 64 3.61 -8.93 7.69
C VAL A 64 5.13 -8.86 7.50
N THR A 65 5.59 -8.76 6.24
CA THR A 65 7.02 -8.55 5.87
C THR A 65 7.34 -7.05 5.81
N HIS A 66 6.38 -6.23 5.38
CA HIS A 66 6.55 -4.78 5.17
C HIS A 66 5.32 -4.04 5.71
N VAL A 67 5.50 -3.05 6.58
CA VAL A 67 4.42 -2.10 6.94
C VAL A 67 4.72 -0.80 6.18
N ILE A 68 3.78 -0.36 5.35
CA ILE A 68 3.97 0.87 4.53
C ILE A 68 3.16 1.97 5.18
N TYR A 69 3.88 2.91 5.81
CA TYR A 69 3.31 4.00 6.63
C TYR A 69 2.89 5.13 5.70
N SER A 70 1.59 5.43 5.73
CA SER A 70 0.86 6.29 4.75
C SER A 70 0.10 7.37 5.50
N PHE A 71 0.15 8.64 5.06
CA PHE A 71 1.00 9.12 3.97
C PHE A 71 1.73 10.38 4.43
N MET A 72 2.90 10.64 3.85
CA MET A 72 3.54 11.97 3.93
C MET A 72 2.92 12.87 2.85
N ASN A 73 2.82 14.17 3.15
CA ASN A 73 2.38 15.19 2.17
C ASN A 73 3.63 15.71 1.47
N LEU A 74 3.42 16.52 0.43
CA LEU A 74 4.50 16.98 -0.49
C LEU A 74 4.17 18.41 -0.90
N GLN A 75 5.18 19.26 -0.98
CA GLN A 75 5.03 20.64 -1.49
C GLN A 75 5.61 20.70 -2.91
N ALA A 76 5.28 21.77 -3.62
CA ALA A 76 5.60 21.96 -5.06
C ALA A 76 7.12 22.07 -5.24
N ASP A 77 7.86 22.48 -4.19
CA ASP A 77 9.34 22.63 -4.21
C ASP A 77 10.03 21.32 -3.79
N GLY A 78 9.29 20.22 -3.72
CA GLY A 78 9.83 18.88 -3.41
C GLY A 78 9.85 18.57 -1.92
N THR A 79 9.55 19.55 -1.08
CA THR A 79 9.61 19.36 0.40
C THR A 79 8.60 18.27 0.79
N VAL A 80 9.09 17.15 1.28
CA VAL A 80 8.23 16.12 1.94
C VAL A 80 7.95 16.60 3.36
N ILE A 81 6.69 16.55 3.78
CA ILE A 81 6.27 17.00 5.13
C ILE A 81 5.35 15.95 5.74
N SER A 82 5.33 15.89 7.06
CA SER A 82 4.29 15.20 7.86
C SER A 82 2.93 15.85 7.56
N GLY A 83 1.92 15.04 7.26
CA GLY A 83 0.53 15.51 7.10
C GLY A 83 -0.20 15.55 8.43
N ASP A 84 0.44 15.01 9.48
CA ASP A 84 -0.13 14.91 10.86
C ASP A 84 1.00 14.55 11.83
N THR A 85 1.61 15.57 12.43
CA THR A 85 2.80 15.41 13.30
C THR A 85 2.40 14.70 14.60
N TYR A 86 1.14 14.87 15.03
CA TYR A 86 0.58 14.23 16.25
C TYR A 86 0.49 12.72 16.06
N ALA A 87 -0.12 12.26 14.97
CA ALA A 87 -0.21 10.84 14.59
C ALA A 87 1.21 10.29 14.36
N ASP A 88 2.06 11.06 13.70
CA ASP A 88 3.39 10.59 13.23
C ASP A 88 4.34 10.42 14.42
N TYR A 89 4.47 11.42 15.30
CA TYR A 89 5.52 11.37 16.35
C TYR A 89 5.17 12.09 17.65
N GLU A 90 4.00 12.68 17.84
CA GLU A 90 3.73 13.45 19.08
C GLU A 90 2.78 12.68 20.01
N LYS A 91 1.84 11.90 19.47
CA LYS A 91 0.84 11.22 20.33
C LYS A 91 1.55 10.31 21.34
N HIS A 92 1.21 10.50 22.63
CA HIS A 92 1.65 9.62 23.74
C HIS A 92 0.64 8.49 23.93
N TYR A 93 1.13 7.28 23.77
CA TYR A 93 0.44 6.00 24.10
C TYR A 93 0.64 5.75 25.59
N ALA A 94 -0.05 4.76 26.15
CA ALA A 94 -0.10 4.44 27.59
C ALA A 94 1.32 4.35 28.20
N ASP A 95 2.33 3.88 27.47
CA ASP A 95 3.72 3.74 28.00
C ASP A 95 4.62 4.89 27.54
N ASP A 96 4.07 5.94 26.92
CA ASP A 96 4.88 7.11 26.49
C ASP A 96 4.93 8.09 27.65
N SER A 97 6.11 8.26 28.26
CA SER A 97 6.27 9.15 29.42
C SER A 97 6.58 10.58 28.96
N TRP A 98 6.04 11.58 29.66
CA TRP A 98 6.41 13.01 29.45
C TRP A 98 7.57 13.39 30.38
N ASN A 99 8.14 12.41 31.09
CA ASN A 99 9.29 12.60 32.00
C ASN A 99 10.57 12.08 31.35
N ASP A 100 10.50 11.83 30.05
CA ASP A 100 11.64 11.39 29.20
C ASP A 100 12.58 12.58 28.96
N VAL A 101 13.88 12.39 29.12
CA VAL A 101 14.87 13.48 28.85
C VAL A 101 15.15 13.49 27.34
N GLY A 102 15.27 14.69 26.77
CA GLY A 102 15.78 14.92 25.41
C GLY A 102 14.67 15.13 24.40
N THR A 103 15.02 15.06 23.12
CA THR A 103 14.08 15.06 21.98
C THR A 103 13.75 13.62 21.64
N ASN A 104 12.49 13.21 21.85
CA ASN A 104 12.04 11.82 21.64
C ASN A 104 10.86 11.76 20.66
N ALA A 105 10.83 10.69 19.88
CA ALA A 105 9.74 10.40 18.92
C ALA A 105 8.68 9.57 19.62
N TYR A 106 7.42 9.93 19.47
CA TYR A 106 6.29 9.09 19.95
C TYR A 106 5.41 8.77 18.76
N GLY A 107 4.09 8.91 18.96
CA GLY A 107 3.06 8.63 17.94
C GLY A 107 3.27 7.24 17.35
N CYS A 108 2.97 7.11 16.05
CA CYS A 108 3.10 5.83 15.33
C CYS A 108 4.57 5.49 15.12
N VAL A 109 5.44 6.49 14.99
CA VAL A 109 6.90 6.26 14.75
C VAL A 109 7.47 5.36 15.86
N LYS A 110 7.27 5.72 17.13
CA LYS A 110 7.78 4.90 18.25
C LYS A 110 7.03 3.57 18.29
N GLN A 111 5.71 3.58 18.04
CA GLN A 111 4.88 2.35 18.11
C GLN A 111 5.34 1.37 17.03
N LEU A 112 5.67 1.87 15.84
CA LEU A 112 6.17 1.04 14.72
C LEU A 112 7.60 0.55 14.99
N PHE A 113 8.43 1.32 15.70
CA PHE A 113 9.79 0.89 16.07
C PHE A 113 9.70 -0.29 17.04
N LYS A 114 8.77 -0.22 17.99
CA LYS A 114 8.46 -1.33 18.92
C LYS A 114 8.08 -2.58 18.13
N VAL A 115 7.21 -2.42 17.13
CA VAL A 115 6.83 -3.53 16.20
C VAL A 115 8.09 -4.05 15.50
N LYS A 116 8.97 -3.17 15.03
CA LYS A 116 10.22 -3.57 14.33
C LYS A 116 11.10 -4.38 15.28
N LYS A 117 11.16 -3.99 16.56
CA LYS A 117 12.03 -4.64 17.58
C LYS A 117 11.54 -6.07 17.84
N ALA A 118 10.23 -6.26 17.90
CA ALA A 118 9.56 -7.54 18.23
C ALA A 118 9.38 -8.40 16.97
N ASN A 119 9.71 -7.87 15.79
CA ASN A 119 9.48 -8.54 14.48
C ASN A 119 10.62 -8.16 13.52
N ARG A 120 11.77 -8.80 13.63
CA ARG A 120 13.01 -8.38 12.91
C ARG A 120 12.86 -8.57 11.40
N GLY A 121 11.94 -9.43 10.95
CA GLY A 121 11.61 -9.63 9.52
C GLY A 121 10.61 -8.60 8.98
N LEU A 122 10.16 -7.65 9.82
CA LEU A 122 9.19 -6.59 9.46
C LEU A 122 9.94 -5.29 9.19
N LYS A 123 9.94 -4.85 7.93
CA LYS A 123 10.55 -3.56 7.50
C LYS A 123 9.44 -2.53 7.44
N VAL A 124 9.70 -1.29 7.85
CA VAL A 124 8.70 -0.20 7.81
C VAL A 124 9.13 0.82 6.75
N LEU A 125 8.22 1.12 5.82
CA LEU A 125 8.52 2.04 4.71
C LEU A 125 7.70 3.31 4.88
N LEU A 126 8.31 4.43 4.53
CA LEU A 126 7.65 5.75 4.57
C LEU A 126 6.99 5.95 3.21
N SER A 127 5.67 6.13 3.16
CA SER A 127 4.95 6.33 1.88
C SER A 127 4.63 7.80 1.70
N ILE A 128 4.96 8.35 0.53
CA ILE A 128 4.77 9.80 0.24
C ILE A 128 3.73 9.94 -0.87
N GLY A 129 2.78 10.87 -0.67
CA GLY A 129 1.76 11.20 -1.65
C GLY A 129 0.44 10.51 -1.36
N GLY A 130 0.08 9.53 -2.18
CA GLY A 130 -1.24 8.89 -2.13
C GLY A 130 -2.22 9.66 -3.01
N TRP A 131 -3.47 9.19 -3.05
CA TRP A 131 -4.48 9.67 -4.04
C TRP A 131 -4.80 11.16 -3.86
N THR A 132 -4.89 11.66 -2.62
CA THR A 132 -5.31 13.05 -2.34
C THR A 132 -4.11 14.01 -2.32
N TRP A 133 -2.86 13.50 -2.30
CA TRP A 133 -1.64 14.34 -2.12
C TRP A 133 -0.61 14.07 -3.23
N SER A 134 -1.04 14.05 -4.48
CA SER A 134 -0.16 13.80 -5.65
C SER A 134 -0.07 15.03 -6.57
N THR A 135 -0.80 16.10 -6.29
CA THR A 135 -0.86 17.27 -7.21
C THR A 135 0.52 17.91 -7.33
N ASN A 136 1.33 17.87 -6.25
CA ASN A 136 2.65 18.54 -6.19
C ASN A 136 3.80 17.62 -6.68
N PHE A 137 3.52 16.39 -7.11
CA PHE A 137 4.58 15.48 -7.64
C PHE A 137 5.20 16.02 -8.93
N PRO A 138 4.43 16.38 -9.98
CA PRO A 138 5.04 16.87 -11.21
C PRO A 138 6.08 17.97 -10.91
N SER A 139 5.68 18.99 -10.15
CA SER A 139 6.55 20.12 -9.71
C SER A 139 7.74 19.56 -8.90
N ALA A 140 7.47 18.72 -7.90
CA ALA A 140 8.49 18.14 -6.98
C ALA A 140 9.57 17.38 -7.76
N ALA A 141 9.21 16.76 -8.88
CA ALA A 141 10.12 15.94 -9.71
C ALA A 141 10.72 16.74 -10.86
N SER A 142 10.28 17.99 -11.08
CA SER A 142 10.50 18.76 -12.35
C SER A 142 11.93 19.31 -12.49
N THR A 143 12.65 19.53 -11.40
CA THR A 143 14.03 20.10 -11.42
C THR A 143 14.93 19.29 -10.49
N ASP A 144 16.24 19.28 -10.80
CA ASP A 144 17.30 18.63 -9.98
C ASP A 144 17.22 19.15 -8.54
N ALA A 145 16.95 20.44 -8.36
CA ALA A 145 16.90 21.10 -7.04
C ALA A 145 15.72 20.55 -6.23
N ASN A 146 14.52 20.52 -6.82
CA ASN A 146 13.29 19.96 -6.19
C ASN A 146 13.51 18.47 -5.88
N ARG A 147 14.06 17.70 -6.83
CA ARG A 147 14.34 16.24 -6.63
C ARG A 147 15.29 16.07 -5.44
N LYS A 148 16.39 16.82 -5.41
CA LYS A 148 17.43 16.73 -4.35
C LYS A 148 16.77 17.07 -3.00
N ASN A 149 15.86 18.05 -2.99
CA ASN A 149 15.09 18.48 -1.79
C ASN A 149 14.14 17.37 -1.36
N PHE A 150 13.46 16.72 -2.32
CA PHE A 150 12.50 15.63 -2.07
C PHE A 150 13.24 14.47 -1.38
N ALA A 151 14.29 13.99 -2.04
CA ALA A 151 15.16 12.89 -1.56
C ALA A 151 15.68 13.24 -0.17
N LYS A 152 16.16 14.47 0.04
CA LYS A 152 16.84 14.79 1.31
C LYS A 152 15.80 14.84 2.44
N THR A 153 14.65 15.48 2.22
CA THR A 153 13.60 15.64 3.27
C THR A 153 12.94 14.29 3.55
N ALA A 154 12.64 13.50 2.51
CA ALA A 154 12.10 12.13 2.64
C ALA A 154 13.03 11.30 3.53
N ILE A 155 14.32 11.29 3.20
CA ILE A 155 15.35 10.42 3.85
C ILE A 155 15.56 10.88 5.30
N THR A 156 15.46 12.19 5.54
CA THR A 156 15.54 12.78 6.90
C THR A 156 14.48 12.13 7.78
N PHE A 157 13.22 12.10 7.37
CA PHE A 157 12.13 11.47 8.15
C PHE A 157 12.45 9.98 8.34
N MET A 158 12.93 9.35 7.28
CA MET A 158 13.18 7.89 7.29
C MET A 158 14.26 7.56 8.33
N LYS A 159 15.35 8.32 8.37
CA LYS A 159 16.48 8.01 9.30
C LYS A 159 16.16 8.52 10.71
N ASP A 160 15.30 9.54 10.83
CA ASP A 160 14.91 10.10 12.15
C ASP A 160 13.88 9.17 12.80
N TRP A 161 13.00 8.57 11.99
CA TRP A 161 11.85 7.77 12.49
C TRP A 161 12.25 6.30 12.68
N GLY A 162 13.33 5.87 12.03
CA GLY A 162 13.85 4.50 12.18
C GLY A 162 13.18 3.56 11.21
N PHE A 163 12.99 4.01 9.97
CA PHE A 163 12.25 3.27 8.90
C PHE A 163 13.28 2.60 7.98
N ASP A 164 12.82 1.66 7.15
CA ASP A 164 13.69 0.78 6.33
C ASP A 164 13.67 1.20 4.87
N GLY A 165 12.91 2.23 4.51
CA GLY A 165 12.85 2.66 3.11
C GLY A 165 11.68 3.59 2.84
N ILE A 166 11.52 3.89 1.56
CA ILE A 166 10.61 4.96 1.08
C ILE A 166 9.72 4.33 0.01
N ASP A 167 8.42 4.54 0.14
CA ASP A 167 7.41 4.18 -0.89
C ASP A 167 6.93 5.46 -1.55
N ILE A 168 7.03 5.56 -2.87
CA ILE A 168 6.53 6.77 -3.58
C ILE A 168 5.19 6.43 -4.23
N ALA A 169 4.12 7.06 -3.75
CA ALA A 169 2.75 6.82 -4.23
C ALA A 169 2.28 8.08 -4.95
N TRP A 170 2.81 8.28 -6.15
CA TRP A 170 2.44 9.41 -7.04
C TRP A 170 1.31 8.89 -7.92
N ALA A 171 0.09 9.40 -7.70
CA ALA A 171 -1.11 9.00 -8.48
C ALA A 171 -1.60 10.16 -9.34
N TYR A 172 -1.14 10.32 -10.60
CA TYR A 172 -0.14 9.52 -11.30
C TYR A 172 0.59 10.36 -12.34
N PRO A 173 1.78 9.95 -12.84
CA PRO A 173 2.43 10.65 -13.94
C PRO A 173 1.50 10.65 -15.16
N ALA A 174 1.21 11.85 -15.65
CA ALA A 174 0.15 12.13 -16.64
C ALA A 174 0.73 12.22 -18.06
N ASP A 175 2.06 12.30 -18.21
CA ASP A 175 2.70 12.44 -19.53
C ASP A 175 4.16 11.99 -19.48
N ALA A 176 4.84 12.09 -20.63
CA ALA A 176 6.24 11.62 -20.85
C ALA A 176 7.21 12.42 -19.97
N THR A 177 7.02 13.73 -19.83
CA THR A 177 7.87 14.60 -18.98
C THR A 177 7.81 14.11 -17.54
N GLN A 178 6.58 13.99 -17.00
CA GLN A 178 6.35 13.56 -15.59
C GLN A 178 6.92 12.15 -15.38
N ALA A 179 6.74 11.26 -16.36
CA ALA A 179 7.18 9.85 -16.32
C ALA A 179 8.71 9.77 -16.25
N SER A 180 9.39 10.57 -17.07
CA SER A 180 10.86 10.66 -17.12
C SER A 180 11.37 11.23 -15.79
N ASN A 181 10.69 12.27 -15.31
CA ASN A 181 11.07 13.01 -14.07
C ASN A 181 10.86 12.10 -12.87
N MET A 182 9.85 11.23 -12.93
CA MET A 182 9.60 10.25 -11.85
C MET A 182 10.84 9.37 -11.67
N ILE A 183 11.46 8.97 -12.79
CA ILE A 183 12.68 8.10 -12.81
C ILE A 183 13.84 8.90 -12.23
N LEU A 184 14.00 10.16 -12.65
CA LEU A 184 15.05 11.06 -12.13
C LEU A 184 14.87 11.24 -10.61
N LEU A 185 13.63 11.38 -10.14
CA LEU A 185 13.31 11.50 -8.70
C LEU A 185 13.78 10.23 -7.97
N LEU A 186 13.37 9.06 -8.46
CA LEU A 186 13.69 7.74 -7.84
C LEU A 186 15.20 7.49 -7.84
N LYS A 187 15.90 7.88 -8.89
CA LYS A 187 17.39 7.74 -8.96
C LYS A 187 18.03 8.70 -7.96
N GLU A 188 17.49 9.91 -7.78
CA GLU A 188 17.98 10.84 -6.73
C GLU A 188 17.76 10.17 -5.37
N VAL A 189 16.59 9.59 -5.11
CA VAL A 189 16.28 8.98 -3.78
C VAL A 189 17.17 7.75 -3.57
N ARG A 190 17.31 6.88 -4.57
CA ARG A 190 18.16 5.66 -4.47
C ARG A 190 19.59 6.06 -4.11
N SER A 191 20.12 7.02 -4.86
CA SER A 191 21.50 7.55 -4.74
C SER A 191 21.73 8.15 -3.33
N GLN A 192 20.77 8.90 -2.80
CA GLN A 192 20.87 9.53 -1.45
C GLN A 192 20.69 8.48 -0.35
N LEU A 193 19.87 7.45 -0.58
CA LEU A 193 19.67 6.35 0.40
C LEU A 193 20.99 5.61 0.58
N ASP A 194 21.66 5.31 -0.53
CA ASP A 194 22.92 4.52 -0.57
C ASP A 194 24.05 5.29 0.12
N ALA A 195 24.12 6.61 -0.09
CA ALA A 195 25.08 7.53 0.56
C ALA A 195 24.78 7.62 2.06
N TYR A 196 23.49 7.66 2.43
CA TYR A 196 23.08 7.69 3.85
C TYR A 196 23.51 6.38 4.53
N ALA A 197 23.30 5.24 3.86
CA ALA A 197 23.68 3.90 4.35
C ALA A 197 25.20 3.82 4.52
N ALA A 198 25.95 4.26 3.52
CA ALA A 198 27.44 4.24 3.50
C ALA A 198 28.02 5.00 4.70
N GLN A 199 27.28 5.93 5.31
CA GLN A 199 27.76 6.70 6.49
C GLN A 199 27.14 6.17 7.79
N TYR A 200 25.86 5.78 7.80
CA TYR A 200 25.09 5.61 9.08
C TYR A 200 24.41 4.24 9.19
N ALA A 201 24.49 3.40 8.17
CA ALA A 201 24.01 2.00 8.21
C ALA A 201 24.77 1.20 7.16
N PRO A 202 26.10 1.03 7.35
CA PRO A 202 26.93 0.36 6.35
C PRO A 202 26.39 -1.05 6.11
N GLY A 203 26.18 -1.41 4.85
CA GLY A 203 25.76 -2.76 4.43
C GLY A 203 24.25 -2.93 4.35
N TYR A 204 23.48 -2.03 4.99
CA TYR A 204 22.00 -2.10 4.95
C TYR A 204 21.48 -1.56 3.62
N HIS A 205 20.52 -2.28 3.04
CA HIS A 205 19.85 -1.88 1.79
C HIS A 205 18.49 -1.26 2.10
N PHE A 206 18.40 0.07 2.09
CA PHE A 206 17.11 0.78 2.23
C PHE A 206 16.23 0.47 1.02
N LEU A 207 14.96 0.15 1.26
CA LEU A 207 14.01 -0.23 0.19
C LEU A 207 13.47 1.05 -0.46
N LEU A 208 13.35 1.03 -1.79
CA LEU A 208 12.66 2.08 -2.59
C LEU A 208 11.55 1.41 -3.40
N THR A 209 10.30 1.81 -3.18
CA THR A 209 9.12 1.16 -3.78
C THR A 209 8.20 2.25 -4.36
N ILE A 210 7.23 1.86 -5.18
CA ILE A 210 6.12 2.75 -5.60
C ILE A 210 4.80 2.01 -5.49
N ALA A 211 3.73 2.77 -5.31
CA ALA A 211 2.35 2.34 -5.62
C ALA A 211 2.18 2.55 -7.13
N ALA A 212 1.85 1.50 -7.89
CA ALA A 212 1.76 1.56 -9.38
C ALA A 212 0.32 1.38 -9.83
N PRO A 213 -0.14 2.13 -10.85
CA PRO A 213 -1.50 2.00 -11.37
C PRO A 213 -1.68 0.70 -12.16
N ALA A 214 -2.86 0.08 -12.01
CA ALA A 214 -3.29 -1.13 -12.76
C ALA A 214 -4.02 -0.75 -14.05
N GLY A 215 -4.39 0.52 -14.21
CA GLY A 215 -5.07 1.01 -15.43
C GLY A 215 -4.07 1.29 -16.53
N LYS A 216 -4.26 0.70 -17.72
CA LYS A 216 -3.40 0.92 -18.91
C LYS A 216 -3.31 2.41 -19.24
N ASP A 217 -4.42 3.16 -19.15
CA ASP A 217 -4.42 4.61 -19.43
C ASP A 217 -3.27 5.25 -18.63
N ASN A 218 -3.06 4.79 -17.40
CA ASN A 218 -2.03 5.36 -16.48
C ASN A 218 -0.68 4.68 -16.73
N TYR A 219 -0.62 3.34 -16.70
CA TYR A 219 0.67 2.59 -16.66
C TYR A 219 1.40 2.64 -18.02
N SER A 220 0.68 2.87 -19.12
CA SER A 220 1.28 2.99 -20.48
C SER A 220 2.19 4.21 -20.56
N LYS A 221 2.04 5.17 -19.63
CA LYS A 221 2.84 6.43 -19.60
C LYS A 221 4.11 6.25 -18.77
N LEU A 222 4.17 5.22 -17.92
CA LEU A 222 5.31 5.03 -16.99
C LEU A 222 6.55 4.59 -17.76
N ARG A 223 7.72 4.87 -17.21
CA ARG A 223 9.02 4.31 -17.68
C ARG A 223 9.21 2.94 -17.01
N LEU A 224 8.45 1.95 -17.48
CA LEU A 224 8.35 0.63 -16.81
C LEU A 224 9.72 0.00 -16.65
N ALA A 225 10.50 -0.05 -17.73
CA ALA A 225 11.85 -0.64 -17.72
C ALA A 225 12.71 0.12 -16.71
N ASP A 226 12.60 1.45 -16.66
CA ASP A 226 13.39 2.24 -15.67
C ASP A 226 12.93 1.85 -14.27
N LEU A 227 11.63 1.75 -14.02
CA LEU A 227 11.08 1.40 -12.67
C LEU A 227 11.64 0.02 -12.26
N GLY A 228 11.62 -0.93 -13.19
CA GLY A 228 12.08 -2.31 -12.97
C GLY A 228 13.53 -2.36 -12.55
N GLN A 229 14.34 -1.41 -13.05
CA GLN A 229 15.79 -1.35 -12.73
C GLN A 229 16.04 -0.71 -11.35
N VAL A 230 15.38 0.40 -11.07
CA VAL A 230 15.74 1.33 -9.93
C VAL A 230 15.07 0.88 -8.63
N LEU A 231 13.90 0.23 -8.70
CA LEU A 231 13.05 -0.05 -7.50
C LEU A 231 13.36 -1.44 -6.96
N ASP A 232 13.03 -1.63 -5.68
CA ASP A 232 12.99 -2.96 -5.03
C ASP A 232 11.64 -3.61 -5.33
N TYR A 233 10.53 -2.88 -5.13
CA TYR A 233 9.16 -3.40 -5.33
C TYR A 233 8.28 -2.40 -6.06
N ILE A 234 7.38 -2.92 -6.89
CA ILE A 234 6.22 -2.20 -7.46
C ILE A 234 5.00 -2.80 -6.77
N ASN A 235 4.34 -1.99 -5.96
CA ASN A 235 3.06 -2.36 -5.28
C ASN A 235 1.95 -2.11 -6.30
N LEU A 236 1.58 -3.12 -7.09
CA LEU A 236 0.53 -2.97 -8.13
C LEU A 236 -0.80 -2.81 -7.39
N MET A 237 -1.45 -1.67 -7.58
CA MET A 237 -2.76 -1.35 -6.94
C MET A 237 -3.86 -1.96 -7.80
N ALA A 238 -3.97 -3.28 -7.76
CA ALA A 238 -4.89 -4.11 -8.57
C ALA A 238 -6.27 -4.12 -7.89
N TYR A 239 -6.90 -2.95 -7.84
CA TYR A 239 -8.25 -2.74 -7.26
C TYR A 239 -8.74 -1.39 -7.76
N ASP A 240 -9.91 -0.94 -7.28
CA ASP A 240 -10.60 0.29 -7.73
C ASP A 240 -10.85 0.22 -9.24
N TYR A 241 -11.31 -0.94 -9.73
CA TYR A 241 -11.70 -1.13 -11.15
C TYR A 241 -13.12 -0.60 -11.37
N ALA A 242 -13.95 -0.58 -10.32
CA ALA A 242 -15.39 -0.26 -10.42
C ALA A 242 -15.87 0.38 -9.12
N GLY A 243 -16.58 1.50 -9.24
CA GLY A 243 -17.29 2.18 -8.13
C GLY A 243 -18.25 3.22 -8.64
N SER A 244 -18.47 4.30 -7.88
CA SER A 244 -19.36 5.44 -8.21
C SER A 244 -18.98 6.06 -9.57
N PHE A 245 -17.72 5.90 -9.95
CA PHE A 245 -17.15 6.41 -11.23
C PHE A 245 -17.51 5.48 -12.40
N SER A 246 -18.10 4.31 -12.13
CA SER A 246 -18.52 3.32 -13.15
C SER A 246 -19.99 3.53 -13.56
N PRO A 247 -20.34 3.47 -14.87
CA PRO A 247 -21.74 3.42 -15.28
C PRO A 247 -22.51 2.20 -14.77
N LEU A 248 -21.84 1.05 -14.63
CA LEU A 248 -22.49 -0.24 -14.26
C LEU A 248 -21.73 -0.86 -13.07
N THR A 249 -22.41 -1.68 -12.28
CA THR A 249 -21.77 -2.51 -11.23
C THR A 249 -20.59 -3.24 -11.90
N GLY A 250 -19.50 -3.41 -11.16
CA GLY A 250 -18.26 -4.07 -11.66
C GLY A 250 -17.52 -4.75 -10.53
N HIS A 251 -16.73 -5.76 -10.86
CA HIS A 251 -15.75 -6.36 -9.93
C HIS A 251 -14.67 -5.30 -9.62
N ASP A 252 -14.33 -5.10 -8.35
CA ASP A 252 -13.36 -4.05 -7.91
C ASP A 252 -11.92 -4.48 -8.24
N ALA A 253 -11.62 -5.78 -8.12
CA ALA A 253 -10.25 -6.34 -8.13
C ALA A 253 -10.23 -7.74 -8.75
N ASN A 254 -10.89 -7.95 -9.89
CA ASN A 254 -10.90 -9.25 -10.59
C ASN A 254 -9.54 -9.52 -11.26
N LEU A 255 -9.18 -10.79 -11.34
CA LEU A 255 -7.96 -11.30 -12.03
C LEU A 255 -8.12 -11.21 -13.55
N PHE A 256 -9.27 -11.64 -14.08
CA PHE A 256 -9.47 -11.84 -15.53
C PHE A 256 -10.74 -11.15 -16.05
N ASN A 257 -10.68 -10.77 -17.31
CA ASN A 257 -11.82 -10.37 -18.17
C ASN A 257 -12.88 -11.47 -18.14
N ASN A 258 -14.16 -11.08 -18.11
CA ASN A 258 -15.33 -11.99 -18.29
C ASN A 258 -15.98 -11.67 -19.65
N PRO A 259 -15.65 -12.41 -20.73
CA PRO A 259 -16.18 -12.09 -22.06
C PRO A 259 -17.67 -12.44 -22.24
N SER A 260 -18.23 -13.27 -21.36
CA SER A 260 -19.70 -13.57 -21.31
C SER A 260 -20.42 -12.61 -20.35
N ASN A 261 -19.75 -11.54 -19.89
CA ASN A 261 -20.32 -10.47 -19.03
C ASN A 261 -19.28 -9.36 -18.88
N PRO A 262 -18.81 -8.74 -19.99
CA PRO A 262 -17.66 -7.83 -19.95
C PRO A 262 -17.87 -6.54 -19.15
N ASN A 263 -19.13 -6.14 -18.93
CA ASN A 263 -19.51 -4.92 -18.17
C ASN A 263 -19.16 -5.13 -16.69
N ALA A 264 -19.09 -6.39 -16.25
CA ALA A 264 -18.73 -6.80 -14.87
C ALA A 264 -17.21 -6.64 -14.65
N THR A 265 -16.42 -6.63 -15.73
CA THR A 265 -14.94 -6.53 -15.68
C THR A 265 -14.44 -5.43 -16.60
N PRO A 266 -14.70 -4.14 -16.28
CA PRO A 266 -14.13 -3.04 -17.06
C PRO A 266 -12.60 -3.13 -17.09
N PHE A 267 -11.99 -3.67 -16.03
CA PHE A 267 -10.53 -3.91 -15.95
C PHE A 267 -10.29 -5.33 -15.46
N ASN A 268 -9.07 -5.81 -15.63
CA ASN A 268 -8.59 -7.08 -15.02
C ASN A 268 -7.10 -6.95 -14.70
N THR A 269 -6.68 -7.60 -13.61
CA THR A 269 -5.30 -7.55 -13.07
C THR A 269 -4.32 -8.22 -14.03
N ASP A 270 -4.72 -9.36 -14.62
CA ASP A 270 -3.83 -10.21 -15.45
C ASP A 270 -3.19 -9.38 -16.57
N SER A 271 -4.00 -8.63 -17.34
CA SER A 271 -3.49 -7.77 -18.43
C SER A 271 -2.46 -6.79 -17.86
N ALA A 272 -2.76 -6.16 -16.73
CA ALA A 272 -1.88 -5.17 -16.06
C ALA A 272 -0.56 -5.84 -15.69
N VAL A 273 -0.62 -7.02 -15.05
CA VAL A 273 0.59 -7.74 -14.56
C VAL A 273 1.48 -8.07 -15.78
N LYS A 274 0.90 -8.63 -16.84
CA LYS A 274 1.63 -9.05 -18.06
C LYS A 274 2.30 -7.83 -18.70
N ASP A 275 1.59 -6.70 -18.76
CA ASP A 275 2.09 -5.45 -19.37
C ASP A 275 3.30 -4.95 -18.55
N TYR A 276 3.24 -5.01 -17.21
CA TYR A 276 4.33 -4.55 -16.31
C TYR A 276 5.58 -5.42 -16.53
N ILE A 277 5.39 -6.74 -16.58
CA ILE A 277 6.53 -7.69 -16.77
C ILE A 277 7.08 -7.50 -18.19
N ASN A 278 6.24 -7.52 -19.22
CA ASN A 278 6.69 -7.40 -20.63
C ASN A 278 7.30 -6.01 -20.86
N GLY A 279 6.85 -5.01 -20.11
CA GLY A 279 7.39 -3.63 -20.18
C GLY A 279 8.78 -3.53 -19.56
N GLY A 280 9.13 -4.49 -18.71
CA GLY A 280 10.49 -4.61 -18.17
C GLY A 280 10.55 -4.44 -16.67
N VAL A 281 9.43 -4.62 -15.95
CA VAL A 281 9.46 -4.82 -14.48
C VAL A 281 9.57 -6.32 -14.22
N PRO A 282 10.69 -6.78 -13.61
CA PRO A 282 10.86 -8.18 -13.27
C PRO A 282 9.70 -8.65 -12.39
N ALA A 283 9.10 -9.80 -12.74
CA ALA A 283 7.93 -10.38 -12.06
C ALA A 283 8.11 -10.32 -10.54
N ASN A 284 9.29 -10.72 -10.06
CA ASN A 284 9.54 -10.93 -8.61
C ASN A 284 9.54 -9.59 -7.86
N LYS A 285 9.61 -8.45 -8.56
CA LYS A 285 9.54 -7.12 -7.93
C LYS A 285 8.10 -6.64 -7.86
N ILE A 286 7.18 -7.29 -8.58
CA ILE A 286 5.74 -6.92 -8.56
C ILE A 286 5.10 -7.56 -7.32
N VAL A 287 4.55 -6.74 -6.45
CA VAL A 287 3.73 -7.16 -5.28
C VAL A 287 2.26 -6.91 -5.63
N LEU A 288 1.43 -7.95 -5.58
CA LEU A 288 0.03 -7.86 -6.04
C LEU A 288 -0.81 -7.18 -4.93
N GLY A 289 -1.33 -5.99 -5.22
CA GLY A 289 -2.18 -5.24 -4.28
C GLY A 289 -3.56 -5.86 -4.22
N MET A 290 -4.15 -5.88 -3.02
CA MET A 290 -5.46 -6.50 -2.76
C MET A 290 -6.21 -5.63 -1.77
N PRO A 291 -7.49 -5.29 -2.04
CA PRO A 291 -8.29 -4.46 -1.15
C PRO A 291 -8.82 -5.21 0.09
N ILE A 292 -8.75 -4.55 1.23
CA ILE A 292 -9.32 -5.05 2.52
C ILE A 292 -10.60 -4.25 2.78
N TYR A 293 -11.29 -3.88 1.71
CA TYR A 293 -12.57 -3.14 1.74
C TYR A 293 -13.34 -3.51 0.49
N GLY A 294 -14.65 -3.26 0.50
CA GLY A 294 -15.51 -3.48 -0.68
C GLY A 294 -16.09 -2.19 -1.20
N ARG A 295 -16.53 -2.22 -2.46
CA ARG A 295 -17.30 -1.13 -3.11
C ARG A 295 -18.75 -1.61 -3.28
N SER A 296 -19.68 -0.81 -2.78
CA SER A 296 -21.13 -1.12 -2.72
C SER A 296 -21.81 -0.48 -3.93
N PHE A 297 -22.82 -1.17 -4.47
CA PHE A 297 -23.73 -0.65 -5.51
C PHE A 297 -25.18 -0.87 -5.04
N GLN A 298 -25.98 0.20 -5.07
CA GLN A 298 -27.43 0.16 -4.71
C GLN A 298 -28.26 0.45 -5.95
N ASN A 299 -29.53 0.03 -5.93
CA ASN A 299 -30.52 0.21 -7.03
C ASN A 299 -30.00 -0.49 -8.28
N THR A 300 -29.48 -1.69 -8.08
CA THR A 300 -28.88 -2.49 -9.17
C THR A 300 -29.50 -3.87 -9.16
N ALA A 301 -29.51 -4.49 -10.33
CA ALA A 301 -30.00 -5.87 -10.54
C ALA A 301 -28.91 -6.89 -10.20
N GLY A 302 -27.63 -6.56 -10.43
CA GLY A 302 -26.53 -7.51 -10.17
C GLY A 302 -25.22 -7.07 -10.80
N ILE A 303 -24.24 -7.96 -10.83
CA ILE A 303 -22.88 -7.62 -11.34
C ILE A 303 -22.93 -7.56 -12.88
N GLY A 304 -22.53 -6.42 -13.43
CA GLY A 304 -22.53 -6.12 -14.87
C GLY A 304 -23.73 -5.28 -15.25
N GLN A 305 -24.62 -5.05 -14.29
CA GLN A 305 -25.94 -4.41 -14.51
C GLN A 305 -25.86 -2.92 -14.21
N THR A 306 -27.00 -2.25 -14.33
CA THR A 306 -27.18 -0.80 -14.11
C THR A 306 -27.45 -0.60 -12.62
N TYR A 307 -27.14 0.58 -12.07
CA TYR A 307 -27.31 0.84 -10.63
C TYR A 307 -27.54 2.33 -10.40
N ASN A 308 -27.93 2.65 -9.18
CA ASN A 308 -28.13 4.06 -8.79
C ASN A 308 -27.50 4.27 -7.40
N GLY A 309 -26.31 4.86 -7.37
CA GLY A 309 -25.65 5.25 -6.11
C GLY A 309 -24.94 4.09 -5.44
N VAL A 310 -23.88 4.45 -4.71
CA VAL A 310 -23.03 3.52 -3.91
C VAL A 310 -23.59 3.50 -2.49
N GLY A 311 -24.31 4.57 -2.13
CA GLY A 311 -25.02 4.68 -0.85
C GLY A 311 -24.07 5.13 0.23
N SER A 312 -24.19 4.50 1.39
CA SER A 312 -23.37 4.77 2.60
C SER A 312 -22.12 3.89 2.53
N GLY A 313 -21.31 3.94 3.57
CA GLY A 313 -20.08 3.13 3.63
C GLY A 313 -19.65 2.95 5.06
N SER A 314 -18.44 2.44 5.25
CA SER A 314 -17.89 2.26 6.62
C SER A 314 -17.45 3.62 7.17
N TRP A 315 -16.69 4.38 6.39
CA TRP A 315 -16.13 5.68 6.82
C TRP A 315 -16.32 6.73 5.76
N GLU A 316 -16.78 6.28 4.60
CA GLU A 316 -16.78 7.11 3.39
C GLU A 316 -17.61 6.38 2.34
N ALA A 317 -18.42 7.18 1.65
CA ALA A 317 -19.60 6.79 0.83
C ALA A 317 -19.23 5.70 -0.19
N GLY A 318 -19.90 4.55 -0.09
CA GLY A 318 -19.75 3.42 -1.04
C GLY A 318 -18.49 2.60 -0.80
N ILE A 319 -17.84 2.74 0.36
CA ILE A 319 -16.66 1.89 0.70
C ILE A 319 -16.92 1.29 2.07
N TRP A 320 -16.84 -0.03 2.13
CA TRP A 320 -17.08 -0.83 3.35
C TRP A 320 -15.81 -1.58 3.73
N ASP A 321 -15.44 -1.50 5.01
CA ASP A 321 -14.32 -2.28 5.56
C ASP A 321 -14.66 -3.75 5.37
N TYR A 322 -13.65 -4.56 5.02
CA TYR A 322 -13.81 -6.02 4.87
C TYR A 322 -14.34 -6.65 6.17
N LYS A 323 -14.00 -6.10 7.35
CA LYS A 323 -14.48 -6.64 8.65
C LYS A 323 -15.99 -6.34 8.87
N ALA A 324 -16.57 -5.44 8.08
CA ALA A 324 -18.03 -5.18 8.08
C ALA A 324 -18.71 -5.99 6.97
N LEU A 325 -18.02 -6.96 6.39
CA LEU A 325 -18.56 -7.70 5.21
C LEU A 325 -18.44 -9.20 5.45
N PRO A 326 -19.31 -10.03 4.82
CA PRO A 326 -20.52 -9.54 4.18
C PRO A 326 -21.54 -9.17 5.26
N LYS A 327 -22.48 -8.30 4.89
CA LYS A 327 -23.50 -7.82 5.86
C LYS A 327 -24.43 -8.95 6.25
N ALA A 328 -25.17 -8.76 7.33
CA ALA A 328 -26.17 -9.76 7.80
C ALA A 328 -27.28 -9.81 6.75
N GLY A 329 -27.51 -10.99 6.18
CA GLY A 329 -28.54 -11.22 5.15
C GLY A 329 -27.95 -11.53 3.79
N ALA A 330 -27.00 -10.70 3.33
CA ALA A 330 -26.36 -10.79 1.99
C ALA A 330 -25.65 -12.12 1.84
N THR A 331 -25.54 -12.60 0.60
CA THR A 331 -24.98 -13.95 0.37
C THR A 331 -23.81 -13.73 -0.59
N VAL A 332 -22.67 -14.46 -0.49
CA VAL A 332 -21.52 -14.14 -1.37
C VAL A 332 -21.58 -15.02 -2.62
N GLN A 333 -21.75 -14.38 -3.78
CA GLN A 333 -21.68 -15.05 -5.10
C GLN A 333 -20.25 -14.95 -5.62
N TYR A 334 -19.84 -15.87 -6.48
CA TYR A 334 -18.47 -15.93 -7.03
C TYR A 334 -18.52 -16.03 -8.55
N ASP A 335 -18.08 -14.97 -9.25
CA ASP A 335 -17.85 -15.02 -10.71
C ASP A 335 -16.54 -15.79 -10.96
N SER A 336 -16.65 -17.05 -11.38
CA SER A 336 -15.50 -17.99 -11.55
C SER A 336 -14.68 -17.68 -12.81
N VAL A 337 -15.18 -16.86 -13.73
CA VAL A 337 -14.44 -16.48 -14.96
C VAL A 337 -13.55 -15.27 -14.61
N ALA A 338 -14.19 -14.21 -14.11
CA ALA A 338 -13.54 -12.95 -13.70
C ALA A 338 -12.65 -13.21 -12.49
N LYS A 339 -13.02 -14.18 -11.65
CA LYS A 339 -12.36 -14.52 -10.36
C LYS A 339 -12.50 -13.30 -9.47
N GLY A 340 -13.74 -13.04 -9.08
CA GLY A 340 -14.11 -11.91 -8.22
C GLY A 340 -15.37 -12.23 -7.46
N TYR A 341 -15.29 -12.20 -6.14
CA TYR A 341 -16.47 -12.41 -5.28
C TYR A 341 -17.21 -11.10 -5.10
N TYR A 342 -18.49 -11.22 -4.78
CA TYR A 342 -19.36 -10.10 -4.38
C TYR A 342 -20.48 -10.63 -3.50
N SER A 343 -21.14 -9.72 -2.83
CA SER A 343 -22.33 -10.01 -1.98
C SER A 343 -23.50 -9.27 -2.60
N TYR A 344 -24.67 -9.89 -2.63
CA TYR A 344 -25.92 -9.24 -3.09
C TYR A 344 -26.97 -9.51 -2.02
N ASN A 345 -27.75 -8.49 -1.68
CA ASN A 345 -28.93 -8.71 -0.82
C ASN A 345 -30.12 -8.75 -1.78
N SER A 346 -30.76 -9.91 -1.95
CA SER A 346 -31.96 -9.98 -2.83
C SER A 346 -33.16 -9.30 -2.15
N ALA A 347 -33.10 -9.04 -0.84
CA ALA A 347 -34.13 -8.27 -0.10
C ALA A 347 -33.90 -6.76 -0.25
N THR A 348 -32.65 -6.27 -0.27
CA THR A 348 -32.37 -4.80 -0.35
C THR A 348 -31.71 -4.36 -1.67
N LYS A 349 -31.38 -5.32 -2.54
CA LYS A 349 -30.72 -5.11 -3.87
C LYS A 349 -29.44 -4.30 -3.71
N GLU A 350 -28.62 -4.70 -2.74
CA GLU A 350 -27.27 -4.13 -2.53
C GLU A 350 -26.25 -5.14 -3.00
N LEU A 351 -25.34 -4.75 -3.87
CA LEU A 351 -24.20 -5.62 -4.19
C LEU A 351 -22.92 -4.93 -3.73
N ILE A 352 -21.98 -5.70 -3.20
CA ILE A 352 -20.67 -5.16 -2.76
C ILE A 352 -19.56 -6.10 -3.28
N SER A 353 -18.74 -5.58 -4.20
CA SER A 353 -17.48 -6.19 -4.69
C SER A 353 -16.45 -6.11 -3.56
N PHE A 354 -15.94 -7.24 -3.10
CA PHE A 354 -14.89 -7.29 -2.04
C PHE A 354 -14.14 -8.61 -2.20
N ASP A 355 -12.96 -8.69 -1.59
CA ASP A 355 -12.13 -9.93 -1.57
C ASP A 355 -12.47 -10.73 -0.31
N THR A 356 -12.59 -12.05 -0.45
CA THR A 356 -12.80 -13.05 0.64
C THR A 356 -11.47 -13.75 0.88
N PRO A 357 -11.33 -14.55 1.96
CA PRO A 357 -10.17 -15.43 2.11
C PRO A 357 -9.93 -16.35 0.89
N ASP A 358 -10.99 -16.90 0.32
CA ASP A 358 -10.92 -17.80 -0.86
C ASP A 358 -10.30 -17.02 -2.04
N MET A 359 -10.77 -15.80 -2.30
CA MET A 359 -10.20 -14.89 -3.32
C MET A 359 -8.69 -14.71 -3.07
N ILE A 360 -8.30 -14.45 -1.82
CA ILE A 360 -6.86 -14.28 -1.46
C ILE A 360 -6.11 -15.55 -1.90
N ASN A 361 -6.63 -16.73 -1.56
CA ASN A 361 -5.97 -18.03 -1.89
C ASN A 361 -5.80 -18.13 -3.42
N THR A 362 -6.78 -17.67 -4.19
CA THR A 362 -6.74 -17.72 -5.67
C THR A 362 -5.68 -16.73 -6.19
N LYS A 363 -5.71 -15.48 -5.72
CA LYS A 363 -4.75 -14.42 -6.12
C LYS A 363 -3.32 -14.82 -5.73
N VAL A 364 -3.16 -15.55 -4.64
CA VAL A 364 -1.80 -16.01 -4.21
C VAL A 364 -1.37 -17.16 -5.12
N ALA A 365 -2.27 -18.10 -5.42
CA ALA A 365 -1.96 -19.17 -6.38
C ALA A 365 -1.56 -18.51 -7.70
N TYR A 366 -2.30 -17.47 -8.11
CA TYR A 366 -2.07 -16.71 -9.36
C TYR A 366 -0.68 -16.06 -9.34
N LEU A 367 -0.34 -15.33 -8.27
CA LEU A 367 0.91 -14.52 -8.26
C LEU A 367 2.13 -15.43 -8.15
N LYS A 368 1.99 -16.57 -7.47
CA LYS A 368 3.05 -17.61 -7.41
C LYS A 368 3.25 -18.23 -8.81
N SER A 369 2.17 -18.42 -9.58
CA SER A 369 2.23 -19.01 -10.94
C SER A 369 3.07 -18.12 -11.86
N LEU A 370 2.93 -16.79 -11.74
CA LEU A 370 3.65 -15.80 -12.59
C LEU A 370 4.98 -15.37 -11.95
N GLY A 371 5.34 -15.94 -10.80
CA GLY A 371 6.59 -15.63 -10.09
C GLY A 371 6.62 -14.20 -9.56
N LEU A 372 5.46 -13.66 -9.17
CA LEU A 372 5.38 -12.30 -8.58
C LEU A 372 6.04 -12.32 -7.20
N GLY A 373 6.26 -11.14 -6.63
CA GLY A 373 7.09 -10.92 -5.43
C GLY A 373 6.29 -11.05 -4.15
N GLY A 374 4.96 -11.07 -4.22
CA GLY A 374 4.14 -11.27 -3.01
C GLY A 374 2.81 -10.53 -3.07
N SER A 375 2.22 -10.33 -1.90
CA SER A 375 0.89 -9.71 -1.71
C SER A 375 1.08 -8.36 -1.04
N MET A 376 0.26 -7.38 -1.42
CA MET A 376 0.17 -6.08 -0.74
C MET A 376 -1.31 -5.86 -0.38
N PHE A 377 -1.57 -5.19 0.74
CA PHE A 377 -2.94 -4.93 1.22
C PHE A 377 -3.12 -3.46 1.53
N TRP A 378 -4.25 -2.95 1.03
CA TRP A 378 -4.81 -1.64 1.41
C TRP A 378 -6.18 -1.91 2.03
N GLU A 379 -6.35 -1.67 3.35
CA GLU A 379 -5.32 -1.29 4.29
C GLU A 379 -5.59 -2.03 5.62
N ALA A 380 -4.70 -1.93 6.59
CA ALA A 380 -4.59 -2.82 7.78
C ALA A 380 -5.86 -2.74 8.64
N SER A 381 -6.43 -1.55 8.82
CA SER A 381 -7.47 -1.30 9.86
C SER A 381 -8.74 -2.11 9.59
N ALA A 382 -9.02 -2.45 8.33
CA ALA A 382 -10.31 -3.04 7.87
C ALA A 382 -10.29 -4.56 7.92
N ASP A 383 -9.16 -5.18 8.24
CA ASP A 383 -9.01 -6.66 8.19
C ASP A 383 -9.78 -7.29 9.36
N LYS A 384 -10.24 -8.53 9.17
CA LYS A 384 -10.77 -9.39 10.26
C LYS A 384 -9.57 -9.98 11.01
N LYS A 385 -9.80 -10.53 12.20
CA LYS A 385 -8.78 -11.30 12.96
C LYS A 385 -9.08 -12.79 12.84
N GLY A 386 -8.07 -13.62 13.11
CA GLY A 386 -8.16 -15.10 13.08
C GLY A 386 -8.13 -15.61 11.65
N ALA A 387 -8.78 -16.76 11.41
CA ALA A 387 -8.79 -17.52 10.15
C ALA A 387 -9.18 -16.60 8.98
N ASP A 388 -10.13 -15.69 9.21
CA ASP A 388 -10.83 -14.90 8.16
C ASP A 388 -10.01 -13.64 7.79
N SER A 389 -8.88 -13.40 8.44
CA SER A 389 -7.89 -12.34 8.08
C SER A 389 -7.38 -12.56 6.65
N LEU A 390 -7.55 -11.55 5.77
CA LEU A 390 -7.03 -11.55 4.37
C LEU A 390 -5.50 -11.57 4.38
N ILE A 391 -4.87 -10.84 5.31
CA ILE A 391 -3.39 -10.77 5.44
C ILE A 391 -2.88 -12.08 6.03
N GLY A 392 -3.59 -12.63 7.02
CA GLY A 392 -3.33 -13.96 7.59
C GLY A 392 -3.43 -15.04 6.52
N THR A 393 -4.52 -15.01 5.73
CA THR A 393 -4.78 -16.00 4.64
C THR A 393 -3.64 -15.92 3.62
N SER A 394 -3.21 -14.70 3.28
CA SER A 394 -2.11 -14.46 2.32
C SER A 394 -0.83 -15.11 2.87
N HIS A 395 -0.54 -14.90 4.15
CA HIS A 395 0.69 -15.43 4.80
C HIS A 395 0.75 -16.95 4.63
N ARG A 396 -0.34 -17.65 4.94
CA ARG A 396 -0.39 -19.13 4.89
C ARG A 396 -0.30 -19.59 3.42
N ALA A 397 -0.98 -18.89 2.50
CA ALA A 397 -1.01 -19.24 1.06
C ALA A 397 0.39 -19.09 0.46
N LEU A 398 1.10 -18.01 0.82
CA LEU A 398 2.46 -17.70 0.31
C LEU A 398 3.48 -18.71 0.87
N GLY A 399 3.35 -19.02 2.16
CA GLY A 399 4.24 -19.94 2.89
C GLY A 399 5.53 -19.26 3.29
N GLY A 400 6.54 -19.29 2.40
CA GLY A 400 7.89 -18.74 2.67
C GLY A 400 7.93 -17.24 2.50
N LEU A 401 7.62 -16.49 3.56
CA LEU A 401 7.69 -15.01 3.57
C LEU A 401 9.16 -14.56 3.58
N ASP A 402 9.42 -13.39 3.00
CA ASP A 402 10.68 -12.64 3.16
C ASP A 402 11.03 -12.57 4.66
N THR A 403 12.25 -12.96 5.03
CA THR A 403 12.75 -12.88 6.43
C THR A 403 13.98 -11.94 6.49
N THR A 404 14.28 -11.18 5.43
CA THR A 404 15.37 -10.18 5.42
C THR A 404 15.22 -9.30 6.66
N GLN A 405 16.32 -9.08 7.36
CA GLN A 405 16.29 -8.41 8.69
C GLN A 405 16.05 -6.91 8.46
N ASN A 406 15.27 -6.30 9.35
CA ASN A 406 15.07 -4.84 9.37
C ASN A 406 16.30 -4.21 10.04
N LEU A 407 16.34 -2.89 10.04
CA LEU A 407 17.40 -2.07 10.66
C LEU A 407 16.86 -1.49 11.97
N LEU A 408 17.64 -1.57 13.05
CA LEU A 408 17.29 -0.96 14.37
C LEU A 408 18.34 0.08 14.77
N SER A 409 19.38 0.27 13.96
CA SER A 409 20.49 1.18 14.29
C SER A 409 20.32 2.50 13.53
N TYR A 410 19.94 3.57 14.24
CA TYR A 410 19.71 4.92 13.65
C TYR A 410 20.55 5.94 14.41
N PRO A 411 21.90 5.88 14.27
CA PRO A 411 22.80 6.71 15.07
C PRO A 411 22.71 8.19 14.69
N ASN A 412 22.02 8.52 13.59
CA ASN A 412 21.90 9.92 13.12
C ASN A 412 20.47 10.43 13.34
N SER A 413 19.60 9.67 14.02
CA SER A 413 18.22 10.12 14.32
C SER A 413 18.32 11.30 15.29
N LYS A 414 17.50 12.33 15.09
CA LYS A 414 17.41 13.48 16.02
C LYS A 414 16.59 13.09 17.24
N TYR A 415 15.98 11.91 17.23
CA TYR A 415 15.21 11.37 18.38
C TYR A 415 16.12 10.42 19.17
N ASP A 416 16.42 10.83 20.40
CA ASP A 416 17.32 10.09 21.34
C ASP A 416 16.78 8.68 21.52
N ASN A 417 15.47 8.53 21.70
CA ASN A 417 14.84 7.21 21.95
C ASN A 417 15.09 6.34 20.70
N ILE A 418 14.93 6.89 19.51
CA ILE A 418 15.15 6.13 18.25
C ILE A 418 16.64 5.77 18.15
N LYS A 419 17.50 6.76 18.36
CA LYS A 419 18.98 6.58 18.33
C LYS A 419 19.40 5.44 19.27
N ASN A 420 18.77 5.32 20.44
CA ASN A 420 19.13 4.32 21.48
C ASN A 420 18.29 3.04 21.30
N GLY A 421 17.58 2.90 20.17
CA GLY A 421 16.72 1.76 19.82
C GLY A 421 15.67 1.46 20.89
N LEU A 422 15.14 2.47 21.57
CA LEU A 422 14.17 2.33 22.69
C LEU A 422 14.72 1.42 23.80
N ASN A 423 16.04 1.44 24.01
CA ASN A 423 16.71 0.72 25.13
C ASN A 423 16.95 1.72 26.26
C1 NAG B . -10.64 4.82 -12.50
C2 NAG B . -9.46 4.08 -11.90
C3 NAG B . -9.49 4.06 -10.38
C4 NAG B . -9.75 5.42 -9.78
C5 NAG B . -10.88 6.13 -10.52
C6 NAG B . -10.95 7.61 -10.15
C7 NAG B . -8.32 2.26 -13.00
C8 NAG B . -8.15 0.77 -12.97
N2 NAG B . -9.39 2.70 -12.33
O1 NAG B . -10.44 4.98 -13.91
O3 NAG B . -8.20 3.61 -9.96
O4 NAG B . -10.06 5.23 -8.38
O5 NAG B . -10.64 6.12 -11.92
O6 NAG B . -12.31 7.95 -9.86
O7 NAG B . -7.49 3.01 -13.50
C1 NAG B . -8.91 5.64 -7.62
C2 NAG B . -9.41 5.83 -6.18
C3 NAG B . -8.28 6.05 -5.19
C4 NAG B . -7.19 5.01 -5.40
C5 NAG B . -6.76 4.78 -6.86
C6 NAG B . -6.16 3.39 -6.98
C7 NAG B . -11.47 6.77 -5.64
C8 NAG B . -12.72 7.08 -6.40
N2 NAG B . -10.36 6.92 -6.31
O3 NAG B . -8.79 5.97 -3.84
O4 NAG B . -6.00 5.40 -4.70
O5 NAG B . -7.81 4.79 -7.83
O6 NAG B . -5.27 3.36 -8.10
O7 NAG B . -11.48 6.17 -4.52
C1 NAG C . -4.62 3.07 -2.37
C2 NAG C . -4.15 4.49 -2.65
C3 NAG C . -4.96 5.33 -1.70
C4 NAG C . -6.44 4.91 -1.64
C5 NAG C . -6.68 3.41 -1.79
C6 NAG C . -8.08 2.85 -1.98
C7 NAG C . -1.73 4.53 -2.83
C8 NAG C . -0.72 3.51 -2.33
N2 NAG C . -2.82 4.43 -2.11
O1 NAG C . -3.72 2.07 -2.82
O3 NAG C . -4.70 6.71 -1.98
O4 NAG C . -6.81 5.03 -0.28
O5 NAG C . -5.93 2.97 -2.90
O6 NAG C . -8.85 3.57 -2.92
O7 NAG C . -1.63 5.28 -3.84
C1 NAG C . -7.35 6.28 0.04
C2 NAG C . -8.40 6.00 1.10
C3 NAG C . -8.93 7.31 1.66
C4 NAG C . -7.77 8.27 1.91
C5 NAG C . -6.87 8.37 0.70
C6 NAG C . -5.68 9.25 0.96
C7 NAG C . -9.76 4.03 0.95
C8 NAG C . -10.87 3.37 0.21
N2 NAG C . -9.51 5.27 0.57
O3 NAG C . -9.66 6.97 2.85
O4 NAG C . -8.19 9.62 2.21
O5 NAG C . -6.30 7.10 0.46
O6 NAG C . -4.91 9.28 -0.23
O7 NAG C . -9.14 3.43 1.82
C1 NAG C . -8.31 9.74 3.64
C2 NAG C . -7.57 10.92 4.25
C3 NAG C . -7.82 10.95 5.76
C4 NAG C . -9.26 10.74 6.17
C5 NAG C . -9.89 9.64 5.35
C6 NAG C . -11.40 9.67 5.58
C7 NAG C . -5.61 11.79 3.19
C8 NAG C . -4.11 11.83 3.22
N2 NAG C . -6.16 10.89 4.00
O3 NAG C . -7.44 12.22 6.28
O4 NAG C . -9.37 10.23 7.53
O5 NAG C . -9.68 9.80 3.96
O6 NAG C . -11.85 8.32 5.64
O7 NAG C . -6.29 12.54 2.48
C1 NAG C . -9.72 11.23 8.52
C2 NAG C . -10.45 10.52 9.67
C3 NAG C . -10.63 11.38 10.90
C4 NAG C . -9.31 12.08 11.20
C5 NAG C . -8.80 12.83 9.97
C6 NAG C . -7.52 13.58 10.30
C7 NAG C . -11.98 8.71 9.48
C8 NAG C . -13.37 8.25 9.19
N2 NAG C . -11.76 10.01 9.37
O3 NAG C . -11.07 10.51 11.97
O4 NAG C . -9.47 13.01 12.28
O5 NAG C . -8.54 11.92 8.90
O6 NAG C . -6.66 13.61 9.14
O7 NAG C . -11.10 7.93 9.80
C ACT D . 6.41 -3.88 -0.67
O ACT D . 5.31 -4.49 -0.77
OXT ACT D . 6.63 -2.74 -1.12
CH3 ACT D . 7.55 -4.60 0.04
ZN ZN E . -14.15 11.46 14.10
ZN ZN F . 17.38 -2.81 -4.23
ZN ZN G . 22.01 -1.99 -2.19
ZN ZN H . 5.27 -18.02 8.13
ZN ZN I . 4.19 15.14 24.41
#